data_4RXX
#
_entry.id   4RXX
#
_cell.length_a   41.985
_cell.length_b   102.039
_cell.length_c   135.281
_cell.angle_alpha   90.000
_cell.angle_beta   90.000
_cell.angle_gamma   90.000
#
_symmetry.space_group_name_H-M   'P 21 21 21'
#
loop_
_entity.id
_entity.type
_entity.pdbx_description
1 polymer 'Ubiquitin carboxyl-terminal hydrolase 38'
2 non-polymer 'CHLORIDE ION'
3 non-polymer 1,2-ETHANEDIOL
4 non-polymer 'UNKNOWN ATOM OR ION'
5 water water
#
_entity_poly.entity_id   1
_entity_poly.type   'polypeptide(L)'
_entity_poly.pdbx_seq_one_letter_code
;(MSE)DKILEGLVSSSHPLPLKRVIVRKVVESAEHWLDEAQCEA(MSE)FDLTTRLILEGQDPFQRQVGHQVLEAYARYH
RPEFESFFNKTFVLGLLHQGYHSLDRKDVAILDYIHNGLKLI(MSE)SCPSVLDLFSLLQVEVLR(MSE)VCERPEPQLC
ARLSDLLTDFVQCIPKGKLSITFCQQLVRTIGHFQCVSTQERELREYVSQVTKVSNLLQNIWKAEPATLLPSLQEVFASI
SSTDASFEPSVALASLVQHIPLQ(MSE)ITVLIRSLTTDPNVKDAS(MSE)TQALCR(MSE)IDWLSWPLAQHVDTWVIA
LLKGLAAVQKFTILIDVTLLKIELVFNRLWFPLVRPGALAVLSH(MSE)LLSFQHSPEAFHLIVPHVVNLVHSFKNDGLP
SSTAFLVQLTELIHC(MSE)(MSE)YHYSGFPDLYEPILEAIKDFPKPSEEKIKLILNQSAWTSHHHHHH
;
_entity_poly.pdbx_strand_id   A
#
# COMPACT_ATOMS: atom_id res chain seq x y z
N ASP A 2 -25.49 26.70 -23.03
CA ASP A 2 -24.15 26.71 -22.45
C ASP A 2 -23.80 28.10 -21.90
N LYS A 3 -24.24 29.14 -22.58
CA LYS A 3 -23.96 30.51 -22.12
C LYS A 3 -24.70 30.80 -20.81
N ILE A 4 -25.92 30.32 -20.71
CA ILE A 4 -26.69 30.41 -19.49
C ILE A 4 -26.03 29.66 -18.31
N LEU A 5 -25.67 28.39 -18.51
CA LEU A 5 -24.93 27.65 -17.47
C LEU A 5 -23.64 28.37 -17.05
N GLU A 6 -22.89 28.87 -18.02
CA GLU A 6 -21.64 29.58 -17.76
C GLU A 6 -21.88 30.77 -16.84
N GLY A 7 -22.83 31.61 -17.23
CA GLY A 7 -23.20 32.79 -16.47
C GLY A 7 -23.57 32.43 -15.04
N LEU A 8 -24.43 31.43 -14.92
CA LEU A 8 -24.91 30.97 -13.63
C LEU A 8 -23.83 30.54 -12.63
N VAL A 9 -22.86 29.76 -13.09
CA VAL A 9 -21.86 29.17 -12.20
C VAL A 9 -20.86 30.19 -11.68
N SER A 10 -20.66 31.25 -12.46
CA SER A 10 -19.85 32.38 -12.04
C SER A 10 -20.67 33.43 -11.27
N SER A 11 -21.97 33.21 -11.06
CA SER A 11 -22.81 34.19 -10.40
C SER A 11 -22.76 34.01 -8.88
N SER A 12 -23.47 34.88 -8.17
CA SER A 12 -23.61 34.78 -6.73
C SER A 12 -25.08 34.61 -6.34
N HIS A 13 -25.89 34.03 -7.21
CA HIS A 13 -27.27 33.74 -6.86
C HIS A 13 -27.33 32.70 -5.78
N PRO A 14 -28.40 32.73 -4.96
CA PRO A 14 -28.60 31.73 -3.93
C PRO A 14 -28.58 30.33 -4.46
N LEU A 15 -28.11 29.42 -3.63
CA LEU A 15 -27.93 28.05 -4.04
C LEU A 15 -29.18 27.35 -4.61
N PRO A 16 -30.38 27.56 -3.99
CA PRO A 16 -31.59 26.87 -4.53
C PRO A 16 -31.98 27.36 -5.93
N LEU A 17 -31.67 28.62 -6.21
CA LEU A 17 -31.87 29.17 -7.54
C LEU A 17 -30.90 28.57 -8.53
N LYS A 18 -29.62 28.52 -8.14
CA LYS A 18 -28.60 27.87 -8.99
C LYS A 18 -29.05 26.47 -9.36
N ARG A 19 -29.56 25.75 -8.39
CA ARG A 19 -29.99 24.39 -8.61
C ARG A 19 -31.18 24.27 -9.51
N VAL A 20 -32.13 25.19 -9.43
CA VAL A 20 -33.32 25.05 -10.28
C VAL A 20 -32.93 25.36 -11.72
N ILE A 21 -32.01 26.31 -11.89
CA ILE A 21 -31.48 26.64 -13.19
C ILE A 21 -30.67 25.47 -13.77
N VAL A 22 -29.82 24.83 -12.96
CA VAL A 22 -29.07 23.68 -13.42
C VAL A 22 -30.06 22.59 -13.85
N ARG A 23 -31.13 22.40 -13.08
CA ARG A 23 -32.12 21.39 -13.45
C ARG A 23 -32.65 21.66 -14.86
N LYS A 24 -32.89 22.92 -15.19
CA LYS A 24 -33.46 23.27 -16.47
C LYS A 24 -32.40 23.04 -17.57
N VAL A 25 -31.15 23.31 -17.24
CA VAL A 25 -30.04 23.03 -18.19
C VAL A 25 -29.96 21.52 -18.47
N VAL A 26 -30.05 20.71 -17.42
CA VAL A 26 -30.04 19.25 -17.50
C VAL A 26 -31.19 18.76 -18.37
N GLU A 27 -32.37 19.29 -18.15
CA GLU A 27 -33.55 18.95 -18.97
C GLU A 27 -33.42 19.39 -20.43
N SER A 28 -32.62 20.41 -20.68
CA SER A 28 -32.38 20.89 -22.06
C SER A 28 -31.72 19.85 -22.98
N ALA A 29 -31.07 18.84 -22.37
CA ALA A 29 -30.43 17.77 -23.11
C ALA A 29 -31.43 16.94 -23.88
N GLU A 30 -32.67 16.91 -23.43
CA GLU A 30 -33.65 16.00 -23.98
C GLU A 30 -34.33 16.60 -25.19
N HIS A 31 -33.60 17.34 -25.99
CA HIS A 31 -34.13 18.00 -27.18
C HIS A 31 -33.18 17.72 -28.31
N TRP A 32 -33.68 17.92 -29.53
CA TRP A 32 -32.82 17.86 -30.69
C TRP A 32 -31.85 19.05 -30.65
N LEU A 33 -30.57 18.75 -30.77
CA LEU A 33 -29.52 19.76 -30.70
C LEU A 33 -28.58 19.49 -31.84
N ASP A 34 -28.07 20.54 -32.46
CA ASP A 34 -27.14 20.34 -33.54
C ASP A 34 -25.74 20.12 -32.97
N GLU A 35 -24.81 19.78 -33.85
CA GLU A 35 -23.46 19.43 -33.46
C GLU A 35 -22.73 20.55 -32.73
N ALA A 36 -22.91 21.79 -33.16
CA ALA A 36 -22.25 22.91 -32.51
C ALA A 36 -22.80 23.11 -31.09
N GLN A 37 -24.09 22.96 -30.91
CA GLN A 37 -24.68 23.06 -29.57
C GLN A 37 -24.14 21.97 -28.63
N CYS A 38 -24.03 20.73 -29.13
CA CYS A 38 -23.55 19.64 -28.32
C CYS A 38 -22.08 19.86 -27.93
N GLU A 39 -21.25 20.20 -28.92
CA GLU A 39 -19.85 20.43 -28.65
C GLU A 39 -19.63 21.59 -27.68
N ALA A 40 -20.37 22.68 -27.83
CA ALA A 40 -20.26 23.78 -26.88
C ALA A 40 -20.57 23.35 -25.43
N PHE A 42 -20.32 20.21 -24.25
CA PHE A 42 -19.26 19.30 -23.84
C PHE A 42 -17.98 20.04 -23.47
N ASP A 43 -17.64 21.09 -24.20
CA ASP A 43 -16.51 21.95 -23.83
C ASP A 43 -16.68 22.59 -22.47
N LEU A 44 -17.84 23.20 -22.25
CA LEU A 44 -18.09 23.89 -20.99
C LEU A 44 -18.10 22.94 -19.83
N THR A 45 -18.82 21.81 -19.97
CA THR A 45 -18.95 20.90 -18.84
C THR A 45 -17.63 20.26 -18.48
N THR A 46 -16.82 19.98 -19.49
CA THR A 46 -15.48 19.47 -19.27
C THR A 46 -14.65 20.47 -18.46
N ARG A 47 -14.71 21.76 -18.83
CA ARG A 47 -14.02 22.83 -18.11
C ARG A 47 -14.44 22.90 -16.64
N LEU A 48 -15.75 22.76 -16.39
CA LEU A 48 -16.27 22.78 -15.03
C LEU A 48 -15.85 21.57 -14.22
N ILE A 49 -15.81 20.40 -14.85
CA ILE A 49 -15.32 19.21 -14.17
C ILE A 49 -13.84 19.36 -13.77
N LEU A 50 -13.01 19.66 -14.74
CA LEU A 50 -11.57 19.67 -14.52
C LEU A 50 -11.06 20.94 -13.81
N GLU A 51 -11.67 22.09 -14.09
CA GLU A 51 -11.24 23.33 -13.50
C GLU A 51 -12.25 24.02 -12.61
N GLY A 52 -13.34 23.34 -12.27
CA GLY A 52 -14.35 23.91 -11.39
C GLY A 52 -13.70 24.30 -10.08
N GLN A 53 -13.93 25.57 -9.69
CA GLN A 53 -13.33 26.17 -8.49
C GLN A 53 -13.75 25.52 -7.19
N ASP A 54 -14.97 24.98 -7.14
CA ASP A 54 -15.47 24.36 -5.94
C ASP A 54 -16.23 23.08 -6.26
N PRO A 55 -16.53 22.28 -5.23
CA PRO A 55 -17.25 21.03 -5.45
C PRO A 55 -18.57 21.20 -6.21
N PHE A 56 -19.28 22.28 -5.95
CA PHE A 56 -20.56 22.51 -6.59
C PHE A 56 -20.39 22.65 -8.13
N GLN A 57 -19.44 23.47 -8.53
CA GLN A 57 -19.15 23.66 -9.96
C GLN A 57 -18.79 22.36 -10.66
N ARG A 58 -17.97 21.54 -10.02
CA ARG A 58 -17.53 20.29 -10.63
C ARG A 58 -18.69 19.32 -10.70
N GLN A 59 -19.53 19.33 -9.66
CA GLN A 59 -20.70 18.48 -9.63
C GLN A 59 -21.71 18.85 -10.74
N VAL A 60 -21.94 20.13 -10.91
CA VAL A 60 -22.80 20.62 -11.99
C VAL A 60 -22.26 20.16 -13.37
N GLY A 61 -20.96 20.37 -13.61
CA GLY A 61 -20.30 19.84 -14.79
C GLY A 61 -20.60 18.36 -15.02
N HIS A 62 -20.48 17.54 -13.98
N HIS A 62 -20.50 17.56 -13.97
CA HIS A 62 -20.71 16.11 -14.09
CA HIS A 62 -20.73 16.12 -14.08
C HIS A 62 -22.18 15.82 -14.45
C HIS A 62 -22.18 15.83 -14.45
N GLN A 63 -23.11 16.53 -13.81
CA GLN A 63 -24.54 16.29 -14.03
C GLN A 63 -24.92 16.65 -15.45
N VAL A 64 -24.48 17.81 -15.90
CA VAL A 64 -24.85 18.28 -17.22
C VAL A 64 -24.22 17.42 -18.30
N LEU A 65 -22.94 17.07 -18.13
CA LEU A 65 -22.24 16.23 -19.09
C LEU A 65 -22.93 14.87 -19.22
N GLU A 66 -23.29 14.27 -18.10
CA GLU A 66 -23.96 12.97 -18.12
C GLU A 66 -25.24 13.03 -18.92
N ALA A 67 -26.04 14.06 -18.68
CA ALA A 67 -27.29 14.21 -19.40
C ALA A 67 -27.06 14.45 -20.91
N TYR A 68 -26.16 15.35 -21.24
CA TYR A 68 -25.87 15.61 -22.64
C TYR A 68 -25.27 14.39 -23.36
N ALA A 69 -24.35 13.69 -22.71
CA ALA A 69 -23.77 12.50 -23.30
C ALA A 69 -24.82 11.39 -23.48
N ARG A 70 -25.74 11.26 -22.52
CA ARG A 70 -26.78 10.26 -22.60
C ARG A 70 -27.73 10.50 -23.77
N TYR A 71 -28.17 11.74 -23.92
CA TYR A 71 -29.09 12.07 -24.99
C TYR A 71 -28.44 12.38 -26.31
N HIS A 72 -27.12 12.52 -26.34
CA HIS A 72 -26.42 12.88 -27.58
C HIS A 72 -25.15 12.08 -27.67
N ARG A 73 -25.31 10.76 -27.62
CA ARG A 73 -24.18 9.87 -27.51
C ARG A 73 -23.19 9.96 -28.70
N PRO A 74 -23.67 10.00 -29.94
CA PRO A 74 -22.74 10.12 -31.06
C PRO A 74 -21.89 11.39 -31.04
N GLU A 75 -22.45 12.49 -30.55
CA GLU A 75 -21.70 13.74 -30.44
C GLU A 75 -20.69 13.60 -29.32
N PHE A 76 -21.05 12.93 -28.23
CA PHE A 76 -20.06 12.74 -27.20
C PHE A 76 -18.94 11.83 -27.71
N GLU A 77 -19.29 10.81 -28.49
CA GLU A 77 -18.30 9.94 -29.08
C GLU A 77 -17.29 10.74 -29.93
N SER A 78 -17.75 11.76 -30.68
CA SER A 78 -16.86 12.55 -31.53
C SER A 78 -15.97 13.40 -30.69
N PHE A 79 -16.53 13.93 -29.61
CA PHE A 79 -15.81 14.81 -28.70
C PHE A 79 -14.73 14.07 -27.90
N PHE A 80 -15.12 12.95 -27.30
CA PHE A 80 -14.23 12.15 -26.45
C PHE A 80 -13.49 11.16 -27.34
N ASN A 81 -12.66 11.68 -28.22
CA ASN A 81 -11.98 10.87 -29.23
C ASN A 81 -10.53 10.60 -28.80
N LYS A 82 -9.92 9.64 -29.50
CA LYS A 82 -8.53 9.23 -29.29
C LYS A 82 -7.53 10.35 -29.18
N THR A 83 -7.62 11.33 -30.06
CA THR A 83 -6.69 12.47 -30.06
C THR A 83 -6.87 13.31 -28.79
N PHE A 84 -8.13 13.53 -28.40
CA PHE A 84 -8.41 14.30 -27.20
C PHE A 84 -7.92 13.57 -25.95
N VAL A 85 -8.12 12.27 -25.90
CA VAL A 85 -7.74 11.49 -24.72
C VAL A 85 -6.22 11.45 -24.60
N LEU A 86 -5.56 11.22 -25.73
CA LEU A 86 -4.11 11.21 -25.78
C LEU A 86 -3.54 12.57 -25.38
N GLY A 87 -4.15 13.64 -25.88
CA GLY A 87 -3.80 14.98 -25.50
C GLY A 87 -3.89 15.22 -24.01
N LEU A 88 -4.97 14.75 -23.39
CA LEU A 88 -5.10 14.90 -21.93
C LEU A 88 -3.94 14.21 -21.19
N LEU A 89 -3.57 13.03 -21.65
CA LEU A 89 -2.56 12.25 -20.98
C LEU A 89 -1.16 12.81 -21.17
N HIS A 90 -0.93 13.50 -22.28
CA HIS A 90 0.42 13.97 -22.59
C HIS A 90 0.60 15.44 -22.34
N GLN A 91 -0.48 16.22 -22.42
CA GLN A 91 -0.33 17.65 -22.17
CA GLN A 91 -0.45 17.67 -22.28
C GLN A 91 -1.19 18.17 -21.04
N GLY A 92 -2.01 17.33 -20.44
CA GLY A 92 -2.86 17.83 -19.38
C GLY A 92 -3.98 18.67 -19.96
N TYR A 93 -4.47 19.66 -19.22
CA TYR A 93 -5.65 20.42 -19.63
C TYR A 93 -5.68 21.77 -18.92
N HIS A 94 -5.53 22.85 -19.69
CA HIS A 94 -5.55 24.20 -19.17
C HIS A 94 -4.48 24.29 -18.07
N SER A 95 -4.88 24.57 -16.84
CA SER A 95 -3.91 24.72 -15.75
C SER A 95 -3.46 23.38 -15.14
N LEU A 96 -4.12 22.28 -15.53
CA LEU A 96 -3.84 20.97 -14.94
C LEU A 96 -2.71 20.27 -15.66
N ASP A 97 -1.72 19.77 -14.93
N ASP A 97 -1.80 19.72 -14.87
CA ASP A 97 -0.68 18.97 -15.57
CA ASP A 97 -0.72 18.85 -15.31
C ASP A 97 -1.24 17.58 -15.86
C ASP A 97 -1.29 17.54 -15.85
N ARG A 98 -0.57 16.89 -16.77
CA ARG A 98 -0.95 15.57 -17.22
C ARG A 98 -1.05 14.52 -16.09
N LYS A 99 -0.35 14.74 -14.98
CA LYS A 99 -0.37 13.78 -13.88
C LYS A 99 -1.49 14.04 -12.87
N ASP A 100 -2.36 15.02 -13.15
CA ASP A 100 -3.42 15.37 -12.20
C ASP A 100 -4.44 14.24 -12.11
N VAL A 101 -4.81 13.85 -10.89
CA VAL A 101 -5.80 12.80 -10.72
C VAL A 101 -7.16 13.11 -11.36
N ALA A 102 -7.53 14.37 -11.43
CA ALA A 102 -8.80 14.81 -12.03
C ALA A 102 -8.86 14.42 -13.51
N ILE A 103 -7.71 14.43 -14.17
CA ILE A 103 -7.64 14.03 -15.58
C ILE A 103 -7.96 12.56 -15.77
N LEU A 104 -7.28 11.71 -14.99
CA LEU A 104 -7.52 10.29 -15.09
C LEU A 104 -8.96 9.98 -14.68
N ASP A 105 -9.47 10.71 -13.70
CA ASP A 105 -10.86 10.53 -13.27
C ASP A 105 -11.88 10.85 -14.41
N TYR A 106 -11.63 11.95 -15.11
CA TYR A 106 -12.44 12.37 -16.24
C TYR A 106 -12.40 11.30 -17.34
N ILE A 107 -11.21 10.75 -17.61
CA ILE A 107 -11.09 9.69 -18.63
C ILE A 107 -11.90 8.45 -18.26
N HIS A 108 -11.77 8.03 -17.00
CA HIS A 108 -12.58 6.91 -16.49
C HIS A 108 -14.08 7.16 -16.68
N ASN A 109 -14.52 8.33 -16.25
CA ASN A 109 -15.91 8.76 -16.41
C ASN A 109 -16.33 8.75 -17.90
N GLY A 110 -15.44 9.23 -18.75
CA GLY A 110 -15.72 9.27 -20.19
C GLY A 110 -15.88 7.90 -20.79
N LEU A 111 -15.02 6.95 -20.37
CA LEU A 111 -15.12 5.57 -20.84
C LEU A 111 -16.48 4.96 -20.51
N LYS A 112 -17.00 5.27 -19.33
CA LYS A 112 -18.35 4.79 -18.96
C LYS A 112 -19.36 5.37 -19.91
N LEU A 113 -19.20 6.64 -20.27
CA LEU A 113 -20.14 7.27 -21.19
C LEU A 113 -20.05 6.74 -22.63
N ILE A 114 -18.88 6.33 -23.09
CA ILE A 114 -18.77 5.86 -24.48
C ILE A 114 -18.62 4.36 -24.59
N SER A 116 -20.63 2.01 -24.81
CA SER A 116 -21.51 1.37 -25.82
C SER A 116 -21.22 1.79 -27.27
N CYS A 117 -20.17 2.59 -27.48
CA CYS A 117 -19.85 3.16 -28.78
C CYS A 117 -18.71 2.42 -29.40
N PRO A 118 -18.72 2.33 -30.73
CA PRO A 118 -17.69 1.62 -31.47
C PRO A 118 -16.30 2.18 -31.24
N SER A 119 -16.16 3.49 -31.02
CA SER A 119 -14.82 4.06 -30.79
C SER A 119 -14.15 3.49 -29.53
N VAL A 120 -14.91 2.90 -28.63
CA VAL A 120 -14.34 2.43 -27.37
C VAL A 120 -13.23 1.40 -27.53
N LEU A 121 -13.31 0.59 -28.58
CA LEU A 121 -12.33 -0.45 -28.85
C LEU A 121 -10.93 0.11 -29.12
N ASP A 122 -10.84 1.13 -29.95
CA ASP A 122 -9.57 1.77 -30.18
C ASP A 122 -9.12 2.57 -28.96
N LEU A 123 -10.03 3.10 -28.15
CA LEU A 123 -9.63 3.73 -26.89
C LEU A 123 -8.97 2.72 -25.96
N PHE A 124 -9.57 1.54 -25.84
CA PHE A 124 -8.98 0.51 -25.01
C PHE A 124 -7.58 0.20 -25.48
N SER A 125 -7.39 0.07 -26.79
CA SER A 125 -6.10 -0.33 -27.33
C SER A 125 -5.08 0.76 -27.05
N LEU A 126 -5.49 1.99 -27.28
CA LEU A 126 -4.70 3.15 -26.91
C LEU A 126 -4.34 3.13 -25.44
N LEU A 127 -5.32 2.88 -24.59
CA LEU A 127 -5.06 2.94 -23.16
C LEU A 127 -4.15 1.83 -22.65
N GLN A 128 -4.20 0.65 -23.25
CA GLN A 128 -3.26 -0.41 -22.88
C GLN A 128 -1.81 0.03 -23.00
N VAL A 129 -1.51 0.79 -24.06
CA VAL A 129 -0.19 1.36 -24.26
C VAL A 129 0.12 2.47 -23.25
N GLU A 130 -0.82 3.39 -23.09
CA GLU A 130 -0.60 4.52 -22.20
C GLU A 130 -0.48 4.11 -20.73
N VAL A 131 -1.26 3.14 -20.27
CA VAL A 131 -1.22 2.79 -18.86
C VAL A 131 0.10 2.07 -18.49
N LEU A 132 0.67 1.32 -19.43
CA LEU A 132 1.98 0.72 -19.23
C LEU A 132 3.04 1.83 -19.14
N ARG A 133 2.97 2.81 -20.04
CA ARG A 133 3.85 3.97 -19.94
C ARG A 133 3.70 4.66 -18.58
N VAL A 135 2.69 3.60 -15.58
CA VAL A 135 3.32 2.87 -14.46
C VAL A 135 4.85 2.82 -14.55
N CYS A 136 5.41 2.78 -15.77
CA CYS A 136 6.88 2.89 -15.92
C CYS A 136 7.40 4.22 -15.41
N GLU A 137 6.56 5.26 -15.44
CA GLU A 137 6.96 6.58 -14.97
C GLU A 137 6.92 6.79 -13.45
N ARG A 138 6.61 5.76 -12.68
CA ARG A 138 6.60 5.88 -11.20
C ARG A 138 5.61 6.92 -10.68
N PRO A 139 4.32 6.72 -10.97
CA PRO A 139 3.33 7.66 -10.48
C PRO A 139 3.16 7.65 -8.96
N GLU A 140 2.68 8.77 -8.46
CA GLU A 140 2.38 8.92 -7.05
C GLU A 140 1.22 8.02 -6.69
N PRO A 141 1.08 7.68 -5.40
CA PRO A 141 0.02 6.76 -4.97
C PRO A 141 -1.41 7.19 -5.33
N GLN A 142 -1.73 8.48 -5.23
CA GLN A 142 -3.09 8.90 -5.48
C GLN A 142 -3.45 8.65 -6.94
N LEU A 143 -2.56 8.99 -7.85
CA LEU A 143 -2.81 8.74 -9.28
C LEU A 143 -2.87 7.25 -9.57
N CYS A 144 -1.97 6.48 -8.95
N CYS A 144 -1.96 6.48 -8.98
CA CYS A 144 -1.96 5.05 -9.16
CA CYS A 144 -1.96 5.02 -9.12
C CYS A 144 -3.24 4.38 -8.66
C CYS A 144 -3.27 4.41 -8.68
N ALA A 145 -3.80 4.89 -7.56
CA ALA A 145 -5.08 4.39 -7.03
C ALA A 145 -6.24 4.64 -8.01
N ARG A 146 -6.28 5.84 -8.57
CA ARG A 146 -7.27 6.17 -9.58
C ARG A 146 -7.13 5.29 -10.82
N LEU A 147 -5.89 5.09 -11.25
CA LEU A 147 -5.62 4.16 -12.32
C LEU A 147 -6.16 2.79 -11.98
N SER A 148 -5.99 2.36 -10.74
CA SER A 148 -6.52 1.08 -10.30
C SER A 148 -8.05 1.00 -10.39
N ASP A 149 -8.76 2.04 -9.97
CA ASP A 149 -10.21 2.08 -10.12
C ASP A 149 -10.60 1.95 -11.57
N LEU A 150 -9.87 2.64 -12.43
CA LEU A 150 -10.19 2.61 -13.86
C LEU A 150 -10.02 1.22 -14.43
N LEU A 151 -8.87 0.60 -14.15
CA LEU A 151 -8.56 -0.71 -14.68
C LEU A 151 -9.44 -1.82 -14.08
N THR A 152 -9.88 -1.63 -12.85
CA THR A 152 -10.83 -2.55 -12.25
C THR A 152 -12.17 -2.51 -13.04
N ASP A 153 -12.65 -1.30 -13.35
CA ASP A 153 -13.84 -1.15 -14.20
C ASP A 153 -13.65 -1.61 -15.61
N PHE A 154 -12.51 -1.29 -16.21
CA PHE A 154 -12.29 -1.59 -17.61
C PHE A 154 -11.05 -2.41 -17.82
N VAL A 155 -11.21 -3.73 -17.71
CA VAL A 155 -10.06 -4.64 -17.74
C VAL A 155 -9.44 -4.70 -19.13
N GLN A 156 -10.20 -4.26 -20.13
CA GLN A 156 -9.69 -4.19 -21.48
C GLN A 156 -8.56 -3.16 -21.63
N CYS A 157 -8.42 -2.26 -20.66
CA CYS A 157 -7.29 -1.32 -20.65
C CYS A 157 -5.98 -1.89 -20.07
N ILE A 158 -6.04 -3.08 -19.47
CA ILE A 158 -4.87 -3.68 -18.89
C ILE A 158 -4.04 -4.30 -20.00
N PRO A 159 -2.73 -4.01 -20.04
CA PRO A 159 -1.92 -4.65 -21.08
C PRO A 159 -2.01 -6.17 -21.00
N LYS A 160 -1.95 -6.79 -22.17
CA LYS A 160 -2.32 -8.20 -22.36
C LYS A 160 -1.11 -9.04 -22.73
N GLY A 161 -1.25 -10.36 -22.66
CA GLY A 161 -0.19 -11.28 -23.10
C GLY A 161 1.09 -11.07 -22.31
N LYS A 162 2.23 -11.05 -23.00
CA LYS A 162 3.53 -10.86 -22.37
C LYS A 162 3.62 -9.52 -21.65
N LEU A 163 2.93 -8.51 -22.17
CA LEU A 163 2.94 -7.19 -21.55
C LEU A 163 2.20 -7.16 -20.21
N SER A 164 1.34 -8.14 -19.94
CA SER A 164 0.69 -8.18 -18.66
C SER A 164 1.71 -8.44 -17.53
N ILE A 165 2.77 -9.19 -17.85
CA ILE A 165 3.84 -9.49 -16.88
C ILE A 165 4.71 -8.26 -16.69
N THR A 166 5.09 -7.64 -17.79
CA THR A 166 5.81 -6.38 -17.75
C THR A 166 5.06 -5.34 -16.93
N PHE A 167 3.74 -5.29 -17.09
CA PHE A 167 2.92 -4.33 -16.39
C PHE A 167 2.97 -4.59 -14.89
N CYS A 168 2.88 -5.85 -14.50
CA CYS A 168 2.91 -6.21 -13.09
C CYS A 168 4.27 -5.90 -12.46
N GLN A 169 5.34 -6.15 -13.21
CA GLN A 169 6.68 -5.91 -12.72
C GLN A 169 6.89 -4.44 -12.50
N GLN A 170 6.49 -3.65 -13.49
CA GLN A 170 6.60 -2.22 -13.40
C GLN A 170 5.72 -1.66 -12.31
N LEU A 171 4.55 -2.26 -12.09
CA LEU A 171 3.69 -1.82 -10.98
C LEU A 171 4.32 -2.14 -9.60
N VAL A 172 4.98 -3.28 -9.49
CA VAL A 172 5.72 -3.58 -8.27
C VAL A 172 6.83 -2.54 -8.05
N ARG A 173 7.59 -2.21 -9.08
CA ARG A 173 8.65 -1.21 -8.95
C ARG A 173 8.10 0.14 -8.56
N THR A 174 6.92 0.43 -9.09
CA THR A 174 6.21 1.67 -8.81
C THR A 174 5.78 1.77 -7.34
N ILE A 175 5.22 0.68 -6.84
CA ILE A 175 4.84 0.58 -5.44
C ILE A 175 6.06 0.79 -4.54
N GLY A 176 7.20 0.26 -4.96
CA GLY A 176 8.42 0.41 -4.20
C GLY A 176 8.90 1.82 -4.07
N HIS A 177 8.38 2.74 -4.90
CA HIS A 177 8.74 4.15 -4.81
C HIS A 177 7.74 4.98 -4.07
N PHE A 178 6.61 4.39 -3.67
CA PHE A 178 5.57 5.13 -2.94
C PHE A 178 6.09 5.70 -1.63
N GLN A 179 5.74 6.94 -1.36
CA GLN A 179 6.00 7.58 -0.07
C GLN A 179 4.90 8.60 0.19
N CYS A 180 4.79 9.03 1.44
CA CYS A 180 3.89 10.08 1.83
C CYS A 180 4.68 11.07 2.68
N VAL A 181 5.04 12.23 2.09
CA VAL A 181 5.83 13.27 2.77
C VAL A 181 5.05 13.99 3.87
N SER A 182 3.72 14.03 3.73
CA SER A 182 2.87 14.60 4.76
C SER A 182 3.00 13.81 6.06
N THR A 183 2.92 14.52 7.18
CA THR A 183 2.81 13.93 8.50
C THR A 183 1.42 14.19 9.13
N GLN A 184 0.51 14.83 8.40
CA GLN A 184 -0.85 14.99 8.89
C GLN A 184 -1.53 13.63 8.82
N GLU A 185 -2.25 13.28 9.88
CA GLU A 185 -2.83 11.97 10.00
C GLU A 185 -3.86 11.64 8.91
N ARG A 186 -4.62 12.64 8.46
CA ARG A 186 -5.62 12.46 7.40
C ARG A 186 -4.98 11.99 6.09
N GLU A 187 -3.88 12.64 5.72
CA GLU A 187 -3.11 12.32 4.53
C GLU A 187 -2.59 10.89 4.61
N LEU A 188 -2.17 10.50 5.81
CA LEU A 188 -1.59 9.19 6.01
C LEU A 188 -2.63 8.08 5.88
N ARG A 189 -3.85 8.30 6.38
CA ARG A 189 -4.93 7.33 6.19
C ARG A 189 -5.26 7.23 4.71
N GLU A 190 -5.23 8.36 4.02
CA GLU A 190 -5.49 8.37 2.57
C GLU A 190 -4.41 7.61 1.81
N TYR A 191 -3.15 7.83 2.18
CA TYR A 191 -2.04 7.13 1.56
C TYR A 191 -2.22 5.63 1.63
N VAL A 192 -2.50 5.13 2.84
CA VAL A 192 -2.70 3.70 3.03
C VAL A 192 -3.87 3.17 2.19
N SER A 193 -4.98 3.90 2.16
CA SER A 193 -6.12 3.44 1.37
CA SER A 193 -6.12 3.46 1.37
C SER A 193 -5.77 3.47 -0.13
N GLN A 194 -4.97 4.43 -0.55
CA GLN A 194 -4.56 4.48 -1.96
C GLN A 194 -3.71 3.27 -2.31
N VAL A 195 -2.73 2.99 -1.45
CA VAL A 195 -1.84 1.85 -1.66
C VAL A 195 -2.65 0.57 -1.65
N THR A 196 -3.61 0.45 -0.73
CA THR A 196 -4.47 -0.74 -0.71
C THR A 196 -5.19 -0.97 -2.05
N LYS A 197 -5.70 0.08 -2.66
CA LYS A 197 -6.35 -0.04 -3.98
C LYS A 197 -5.38 -0.57 -5.02
N VAL A 198 -4.16 -0.08 -5.04
CA VAL A 198 -3.20 -0.50 -6.06
C VAL A 198 -2.86 -1.98 -5.86
N SER A 199 -2.66 -2.35 -4.59
CA SER A 199 -2.39 -3.72 -4.24
C SER A 199 -3.54 -4.63 -4.60
N ASN A 200 -4.77 -4.20 -4.33
CA ASN A 200 -5.96 -4.98 -4.72
C ASN A 200 -6.03 -5.24 -6.21
N LEU A 201 -5.69 -4.23 -7.01
CA LEU A 201 -5.65 -4.41 -8.48
C LEU A 201 -4.69 -5.53 -8.83
N LEU A 202 -3.48 -5.43 -8.30
CA LEU A 202 -2.47 -6.40 -8.61
C LEU A 202 -2.86 -7.81 -8.18
N GLN A 203 -3.46 -7.96 -7.00
CA GLN A 203 -3.93 -9.28 -6.53
C GLN A 203 -5.00 -9.84 -7.49
N ASN A 204 -5.82 -8.95 -8.01
CA ASN A 204 -6.83 -9.35 -8.97
C ASN A 204 -6.24 -9.76 -10.27
N ILE A 205 -5.17 -9.11 -10.69
CA ILE A 205 -4.49 -9.53 -11.90
C ILE A 205 -3.87 -10.91 -11.68
N TRP A 206 -3.30 -11.17 -10.49
CA TRP A 206 -2.72 -12.49 -10.20
C TRP A 206 -3.76 -13.61 -10.34
N LYS A 207 -4.95 -13.38 -9.79
CA LYS A 207 -6.05 -14.33 -9.92
C LYS A 207 -6.41 -14.57 -11.38
N ALA A 208 -6.65 -13.50 -12.14
CA ALA A 208 -7.05 -13.61 -13.54
C ALA A 208 -5.98 -14.18 -14.46
N GLU A 209 -4.70 -13.88 -14.21
CA GLU A 209 -3.61 -14.35 -15.04
C GLU A 209 -2.49 -14.86 -14.14
N PRO A 210 -2.59 -16.13 -13.69
CA PRO A 210 -1.67 -16.69 -12.70
C PRO A 210 -0.20 -16.60 -13.04
N ALA A 211 0.13 -16.52 -14.32
CA ALA A 211 1.50 -16.36 -14.79
C ALA A 211 2.15 -15.02 -14.42
N THR A 212 1.37 -14.09 -13.90
CA THR A 212 1.88 -12.81 -13.47
C THR A 212 2.37 -12.88 -12.01
N LEU A 213 1.88 -13.85 -11.26
CA LEU A 213 2.16 -13.92 -9.83
C LEU A 213 3.65 -14.09 -9.59
N LEU A 214 4.25 -15.19 -10.06
CA LEU A 214 5.64 -15.46 -9.74
C LEU A 214 6.55 -14.30 -10.14
N PRO A 215 6.49 -13.84 -11.40
CA PRO A 215 7.35 -12.69 -11.77
C PRO A 215 7.13 -11.46 -10.91
N SER A 216 5.92 -11.26 -10.41
CA SER A 216 5.63 -10.11 -9.54
C SER A 216 6.34 -10.27 -8.20
N LEU A 217 6.25 -11.45 -7.64
CA LEU A 217 6.91 -11.71 -6.37
C LEU A 217 8.44 -11.69 -6.49
N GLN A 218 8.95 -12.14 -7.62
CA GLN A 218 10.37 -12.04 -7.85
C GLN A 218 10.84 -10.60 -7.87
N GLU A 219 10.03 -9.72 -8.43
CA GLU A 219 10.32 -8.30 -8.43
C GLU A 219 10.34 -7.72 -6.99
N VAL A 220 9.40 -8.17 -6.17
CA VAL A 220 9.36 -7.76 -4.77
C VAL A 220 10.69 -8.17 -4.13
N PHE A 221 11.12 -9.40 -4.37
CA PHE A 221 12.39 -9.85 -3.82
C PHE A 221 13.60 -9.09 -4.35
N ALA A 222 13.60 -8.71 -5.62
CA ALA A 222 14.72 -7.94 -6.16
C ALA A 222 14.77 -6.58 -5.49
N SER A 223 13.61 -5.98 -5.23
CA SER A 223 13.55 -4.69 -4.55
C SER A 223 14.08 -4.77 -3.14
N ILE A 224 13.57 -5.70 -2.34
CA ILE A 224 13.96 -5.74 -0.92
C ILE A 224 15.37 -6.21 -0.70
N SER A 225 15.89 -6.99 -1.63
CA SER A 225 17.27 -7.49 -1.50
C SER A 225 18.32 -6.58 -2.17
N SER A 226 17.88 -5.44 -2.69
CA SER A 226 18.78 -4.46 -3.31
C SER A 226 19.81 -3.89 -2.37
N THR A 227 21.06 -3.85 -2.81
CA THR A 227 22.12 -3.18 -2.05
C THR A 227 22.53 -1.84 -2.68
N ASP A 228 21.68 -1.31 -3.56
CA ASP A 228 21.87 0.02 -4.10
C ASP A 228 21.67 1.10 -3.01
N ALA A 229 22.79 1.66 -2.54
CA ALA A 229 22.80 2.64 -1.46
C ALA A 229 21.93 3.89 -1.67
N SER A 230 21.65 4.24 -2.92
CA SER A 230 20.87 5.45 -3.19
C SER A 230 19.36 5.23 -3.16
N PHE A 231 18.90 4.01 -2.92
CA PHE A 231 17.46 3.70 -3.01
C PHE A 231 16.99 2.87 -1.82
N GLU A 232 15.92 3.30 -1.17
CA GLU A 232 15.31 2.53 -0.11
C GLU A 232 13.89 2.22 -0.55
N PRO A 233 13.58 0.94 -0.82
CA PRO A 233 12.20 0.58 -1.20
C PRO A 233 11.18 0.90 -0.14
N SER A 234 10.01 1.36 -0.56
CA SER A 234 8.94 1.71 0.35
C SER A 234 8.37 0.51 1.11
N VAL A 235 7.94 0.75 2.36
CA VAL A 235 7.32 -0.34 3.12
C VAL A 235 5.93 -0.60 2.58
N ALA A 236 5.47 0.22 1.63
CA ALA A 236 4.22 -0.06 0.95
C ALA A 236 4.20 -1.42 0.26
N LEU A 237 5.36 -1.97 -0.07
CA LEU A 237 5.44 -3.33 -0.64
C LEU A 237 4.77 -4.38 0.25
N ALA A 238 4.74 -4.10 1.56
CA ALA A 238 4.06 -4.96 2.53
C ALA A 238 2.61 -5.17 2.22
N SER A 239 1.97 -4.18 1.58
CA SER A 239 0.57 -4.35 1.19
C SER A 239 0.34 -5.50 0.21
N LEU A 240 1.37 -5.95 -0.46
CA LEU A 240 1.23 -7.04 -1.46
C LEU A 240 1.29 -8.44 -0.89
N VAL A 241 1.79 -8.57 0.32
CA VAL A 241 2.29 -9.87 0.72
C VAL A 241 1.37 -10.51 1.73
N GLN A 242 0.22 -9.92 1.94
CA GLN A 242 -0.63 -10.38 3.01
C GLN A 242 -1.42 -11.64 2.66
N HIS A 243 -1.60 -11.93 1.38
CA HIS A 243 -2.40 -13.08 0.98
C HIS A 243 -1.67 -13.90 -0.09
N ILE A 244 -0.41 -14.23 0.19
CA ILE A 244 0.39 -15.09 -0.67
C ILE A 244 0.30 -16.48 -0.06
N PRO A 245 0.05 -17.50 -0.88
CA PRO A 245 0.05 -18.87 -0.34
C PRO A 245 1.40 -19.25 0.28
N LEU A 246 1.33 -20.02 1.36
CA LEU A 246 2.49 -20.42 2.14
C LEU A 246 3.56 -21.10 1.34
N GLN A 247 3.15 -22.03 0.48
CA GLN A 247 4.07 -22.76 -0.38
C GLN A 247 4.92 -21.81 -1.20
N ILE A 249 5.73 -18.69 -0.45
CA ILE A 249 6.70 -18.04 0.43
C ILE A 249 7.91 -18.96 0.62
N THR A 250 7.63 -20.25 0.75
CA THR A 250 8.72 -21.22 0.92
C THR A 250 9.67 -21.24 -0.26
N VAL A 251 9.13 -21.27 -1.47
CA VAL A 251 9.96 -21.26 -2.67
C VAL A 251 10.86 -20.05 -2.72
N LEU A 252 10.29 -18.89 -2.42
CA LEU A 252 11.03 -17.63 -2.49
C LEU A 252 12.14 -17.52 -1.46
N ILE A 253 11.81 -17.83 -0.22
CA ILE A 253 12.78 -17.82 0.88
C ILE A 253 13.87 -18.85 0.62
N ARG A 254 13.50 -20.03 0.13
CA ARG A 254 14.50 -21.06 -0.16
C ARG A 254 15.50 -20.58 -1.22
N SER A 255 14.97 -20.03 -2.31
CA SER A 255 15.83 -19.49 -3.38
CA SER A 255 15.82 -19.49 -3.38
C SER A 255 16.72 -18.38 -2.85
N LEU A 256 16.13 -17.41 -2.15
CA LEU A 256 16.93 -16.32 -1.60
C LEU A 256 18.10 -16.81 -0.75
N THR A 257 17.85 -17.80 0.12
CA THR A 257 18.87 -18.26 1.10
C THR A 257 19.87 -19.35 0.63
N THR A 258 19.52 -20.11 -0.42
CA THR A 258 20.37 -21.24 -0.89
C THR A 258 20.98 -21.06 -2.30
N ASP A 259 20.57 -20.03 -3.03
CA ASP A 259 21.10 -19.80 -4.37
C ASP A 259 22.55 -19.35 -4.19
N PRO A 260 23.51 -20.09 -4.78
CA PRO A 260 24.93 -19.82 -4.52
C PRO A 260 25.40 -18.44 -5.01
N ASN A 261 24.68 -17.85 -5.94
CA ASN A 261 24.97 -16.51 -6.42
C ASN A 261 24.45 -15.36 -5.59
N VAL A 262 23.67 -15.60 -4.53
CA VAL A 262 23.19 -14.49 -3.71
C VAL A 262 24.22 -14.08 -2.65
N LYS A 263 24.60 -12.81 -2.65
CA LYS A 263 25.58 -12.31 -1.69
C LYS A 263 24.95 -12.14 -0.29
N ASP A 264 25.78 -12.30 0.75
CA ASP A 264 25.38 -12.06 2.13
C ASP A 264 24.70 -10.70 2.31
N ALA A 265 25.23 -9.67 1.64
CA ALA A 265 24.70 -8.31 1.76
C ALA A 265 23.26 -8.24 1.30
N SER A 266 22.92 -9.00 0.25
CA SER A 266 21.58 -8.99 -0.30
C SER A 266 20.59 -9.64 0.65
N THR A 268 21.03 -9.81 3.98
CA THR A 268 20.90 -8.86 5.09
C THR A 268 19.86 -7.81 4.76
N GLN A 269 19.95 -7.25 3.56
CA GLN A 269 18.97 -6.25 3.12
C GLN A 269 17.57 -6.82 3.06
N ALA A 270 17.39 -8.02 2.49
CA ALA A 270 16.04 -8.59 2.43
C ALA A 270 15.46 -8.71 3.83
N LEU A 271 16.27 -9.17 4.78
CA LEU A 271 15.78 -9.33 6.12
C LEU A 271 15.45 -7.99 6.77
N CYS A 272 16.32 -6.99 6.63
CA CYS A 272 16.04 -5.65 7.15
C CYS A 272 14.76 -5.07 6.56
N ARG A 273 14.58 -5.24 5.25
CA ARG A 273 13.42 -4.65 4.61
C ARG A 273 12.14 -5.35 5.05
N ILE A 275 11.61 -6.92 7.91
CA ILE A 275 11.29 -6.50 9.27
C ILE A 275 10.61 -5.12 9.24
N ASP A 276 11.10 -4.21 8.39
CA ASP A 276 10.46 -2.90 8.27
C ASP A 276 9.04 -2.98 7.77
N TRP A 277 8.65 -4.06 7.09
CA TRP A 277 7.26 -4.24 6.70
C TRP A 277 6.32 -4.29 7.88
N LEU A 278 6.82 -4.67 9.06
CA LEU A 278 6.03 -4.55 10.28
C LEU A 278 5.52 -3.14 10.55
N SER A 279 6.20 -2.12 10.01
N SER A 279 6.18 -2.12 10.00
CA SER A 279 5.79 -0.72 10.09
CA SER A 279 5.74 -0.73 10.17
C SER A 279 4.51 -0.39 9.31
C SER A 279 4.63 -0.31 9.19
N TRP A 280 4.15 -1.24 8.36
CA TRP A 280 3.01 -0.96 7.47
C TRP A 280 1.74 -1.12 8.29
N PRO A 281 0.88 -0.09 8.28
CA PRO A 281 -0.31 -0.09 9.14
C PRO A 281 -1.18 -1.34 9.09
N LEU A 282 -1.23 -2.02 7.95
CA LEU A 282 -1.95 -3.29 7.87
C LEU A 282 -0.97 -4.46 7.72
N ALA A 283 -0.06 -4.60 8.67
CA ALA A 283 0.99 -5.64 8.61
C ALA A 283 0.64 -6.87 9.42
N GLN A 284 -0.59 -7.37 9.26
CA GLN A 284 -1.05 -8.52 10.02
C GLN A 284 -0.22 -9.82 9.91
N HIS A 285 0.29 -10.15 8.72
CA HIS A 285 0.92 -11.47 8.44
C HIS A 285 2.38 -11.39 7.97
N VAL A 286 2.98 -10.25 8.24
CA VAL A 286 4.39 -10.00 7.94
C VAL A 286 5.26 -10.97 8.71
N ASP A 287 4.88 -11.26 9.95
CA ASP A 287 5.63 -12.20 10.76
C ASP A 287 5.87 -13.55 10.05
N THR A 288 4.90 -14.00 9.25
CA THR A 288 5.08 -15.26 8.51
C THR A 288 6.30 -15.20 7.63
N TRP A 289 6.49 -14.06 6.97
CA TRP A 289 7.64 -13.87 6.10
C TRP A 289 8.95 -13.73 6.89
N VAL A 290 8.95 -12.84 7.88
CA VAL A 290 10.14 -12.57 8.68
C VAL A 290 10.64 -13.84 9.35
N ILE A 291 9.75 -14.60 9.98
CA ILE A 291 10.17 -15.81 10.70
C ILE A 291 10.66 -16.89 9.73
N ALA A 292 10.02 -17.02 8.57
CA ALA A 292 10.50 -17.96 7.55
C ALA A 292 11.93 -17.60 7.18
N LEU A 293 12.21 -16.30 7.02
CA LEU A 293 13.56 -15.91 6.64
C LEU A 293 14.55 -16.10 7.79
N LEU A 294 14.14 -15.79 9.00
CA LEU A 294 15.02 -16.02 10.15
C LEU A 294 15.42 -17.48 10.23
N LYS A 295 14.47 -18.37 9.99
CA LYS A 295 14.71 -19.80 10.04
C LYS A 295 15.51 -20.26 8.85
N GLY A 296 15.15 -19.75 7.67
CA GLY A 296 15.90 -20.03 6.45
C GLY A 296 17.37 -19.65 6.58
N LEU A 297 17.65 -18.49 7.16
CA LEU A 297 19.04 -18.07 7.38
C LEU A 297 19.81 -18.92 8.40
N ALA A 298 19.13 -19.39 9.46
CA ALA A 298 19.82 -20.19 10.47
C ALA A 298 20.22 -21.52 9.84
N ALA A 299 19.36 -22.07 8.99
CA ALA A 299 19.63 -23.35 8.30
C ALA A 299 20.87 -23.34 7.41
N VAL A 300 21.21 -22.19 6.82
CA VAL A 300 22.46 -22.08 6.09
C VAL A 300 23.50 -21.36 6.94
N GLN A 301 23.31 -21.37 8.25
CA GLN A 301 24.26 -20.82 9.22
C GLN A 301 24.69 -19.38 9.02
N LYS A 302 23.78 -18.51 8.61
CA LYS A 302 24.11 -17.10 8.49
C LYS A 302 23.90 -16.40 9.82
N PHE A 303 24.63 -16.84 10.83
CA PHE A 303 24.36 -16.41 12.20
C PHE A 303 24.77 -14.98 12.48
N THR A 304 25.80 -14.49 11.80
CA THR A 304 26.24 -13.11 11.99
CA THR A 304 26.22 -13.11 12.03
C THR A 304 25.21 -12.16 11.43
N ILE A 305 24.62 -12.52 10.31
CA ILE A 305 23.53 -11.70 9.77
C ILE A 305 22.41 -11.64 10.81
N LEU A 306 22.03 -12.80 11.35
CA LEU A 306 20.90 -12.88 12.27
C LEU A 306 21.15 -12.05 13.48
N ILE A 307 22.35 -12.19 14.02
CA ILE A 307 22.77 -11.48 15.21
C ILE A 307 22.85 -9.97 14.98
N ASP A 308 23.49 -9.55 13.90
CA ASP A 308 23.65 -8.14 13.59
C ASP A 308 22.31 -7.46 13.27
N VAL A 309 21.47 -8.14 12.51
CA VAL A 309 20.17 -7.55 12.15
C VAL A 309 19.28 -7.46 13.39
N THR A 310 19.36 -8.47 14.27
CA THR A 310 18.58 -8.43 15.49
C THR A 310 18.97 -7.23 16.34
N LEU A 311 20.26 -7.02 16.52
CA LEU A 311 20.70 -5.85 17.28
C LEU A 311 20.26 -4.56 16.62
N LEU A 312 20.25 -4.53 15.28
CA LEU A 312 19.77 -3.36 14.56
C LEU A 312 18.28 -3.11 14.69
N LYS A 313 17.49 -4.17 14.77
CA LYS A 313 16.06 -4.00 14.53
C LYS A 313 15.18 -4.31 15.72
N ILE A 314 15.75 -4.86 16.78
CA ILE A 314 14.89 -5.42 17.84
C ILE A 314 14.07 -4.34 18.56
N GLU A 315 14.61 -3.13 18.67
CA GLU A 315 13.88 -2.03 19.28
C GLU A 315 12.64 -1.65 18.47
N LEU A 316 12.80 -1.62 17.15
CA LEU A 316 11.69 -1.37 16.24
C LEU A 316 10.61 -2.44 16.40
N VAL A 317 11.04 -3.69 16.46
CA VAL A 317 10.09 -4.79 16.59
C VAL A 317 9.32 -4.69 17.90
N PHE A 318 10.04 -4.45 18.99
CA PHE A 318 9.39 -4.27 20.29
C PHE A 318 8.37 -3.14 20.25
N ASN A 319 8.73 -2.01 19.65
CA ASN A 319 7.83 -0.85 19.60
C ASN A 319 6.55 -1.07 18.78
N ARG A 320 6.59 -2.04 17.87
CA ARG A 320 5.40 -2.43 17.11
C ARG A 320 4.29 -3.01 17.96
N LEU A 321 4.67 -3.50 19.13
CA LEU A 321 3.71 -4.06 20.08
C LEU A 321 2.67 -3.05 20.52
N TRP A 322 2.96 -1.76 20.37
CA TRP A 322 1.96 -0.70 20.64
C TRP A 322 0.78 -0.67 19.64
N PHE A 323 0.94 -1.29 18.47
CA PHE A 323 -0.06 -1.24 17.41
C PHE A 323 -0.84 -2.56 17.44
N PRO A 324 -2.10 -2.53 17.89
CA PRO A 324 -2.84 -3.77 18.12
C PRO A 324 -2.91 -4.75 16.96
N LEU A 325 -3.08 -4.28 15.73
CA LEU A 325 -3.21 -5.22 14.58
C LEU A 325 -1.93 -6.00 14.27
N VAL A 326 -0.78 -5.34 14.45
CA VAL A 326 0.50 -5.97 14.17
C VAL A 326 1.11 -6.62 15.41
N ARG A 327 0.53 -6.39 16.58
CA ARG A 327 1.11 -6.88 17.81
C ARG A 327 1.35 -8.42 17.88
N PRO A 328 0.37 -9.25 17.52
CA PRO A 328 0.66 -10.69 17.60
C PRO A 328 1.87 -11.10 16.71
N GLY A 329 1.93 -10.55 15.51
CA GLY A 329 3.07 -10.78 14.61
C GLY A 329 4.37 -10.22 15.19
N ALA A 330 4.34 -9.01 15.74
CA ALA A 330 5.57 -8.44 16.28
C ALA A 330 6.07 -9.25 17.47
N LEU A 331 5.12 -9.82 18.24
CA LEU A 331 5.48 -10.63 19.40
C LEU A 331 6.12 -11.93 18.92
N ALA A 332 5.59 -12.52 17.87
CA ALA A 332 6.14 -13.76 17.35
C ALA A 332 7.57 -13.53 16.88
N VAL A 333 7.81 -12.41 16.20
CA VAL A 333 9.17 -12.05 15.75
C VAL A 333 10.11 -11.78 16.94
N LEU A 334 9.65 -10.97 17.87
CA LEU A 334 10.42 -10.66 19.08
C LEU A 334 10.77 -11.90 19.85
N SER A 335 9.80 -12.78 20.02
CA SER A 335 10.03 -14.00 20.72
C SER A 335 11.09 -14.90 20.05
N HIS A 336 11.02 -15.03 18.73
CA HIS A 336 12.00 -15.84 18.03
C HIS A 336 13.41 -15.25 18.17
N LEU A 338 14.56 -13.14 20.59
CA LEU A 338 15.11 -13.16 21.94
C LEU A 338 15.52 -14.55 22.39
N LEU A 339 14.73 -15.56 21.99
CA LEU A 339 14.97 -16.90 22.43
C LEU A 339 16.07 -17.57 21.64
N SER A 340 16.36 -17.05 20.44
CA SER A 340 17.49 -17.53 19.62
C SER A 340 18.85 -16.84 19.95
N PHE A 341 18.78 -15.63 20.51
CA PHE A 341 19.95 -14.79 20.80
C PHE A 341 20.36 -15.07 22.25
N GLN A 342 21.18 -16.12 22.41
CA GLN A 342 21.38 -16.74 23.72
C GLN A 342 22.80 -16.52 24.32
N HIS A 343 23.68 -15.88 23.56
CA HIS A 343 25.09 -15.72 23.93
C HIS A 343 25.42 -14.36 24.61
N SER A 344 24.45 -13.46 24.71
CA SER A 344 24.73 -12.12 25.24
C SER A 344 23.45 -11.39 25.55
N PRO A 345 23.42 -10.66 26.66
CA PRO A 345 22.22 -9.95 27.02
C PRO A 345 21.96 -8.69 26.22
N GLU A 346 22.79 -8.38 25.23
CA GLU A 346 22.73 -7.10 24.57
C GLU A 346 21.37 -6.81 23.90
N ALA A 347 20.82 -7.78 23.17
CA ALA A 347 19.52 -7.61 22.49
C ALA A 347 18.41 -7.43 23.51
N PHE A 348 18.35 -8.29 24.51
CA PHE A 348 17.34 -8.15 25.54
C PHE A 348 17.47 -6.79 26.27
N HIS A 349 18.70 -6.38 26.56
CA HIS A 349 18.90 -5.12 27.29
C HIS A 349 18.56 -3.88 26.46
N LEU A 350 18.51 -4.01 25.15
CA LEU A 350 17.98 -2.94 24.31
C LEU A 350 16.50 -2.75 24.55
N ILE A 351 15.77 -3.82 24.85
CA ILE A 351 14.31 -3.64 25.03
C ILE A 351 13.87 -3.40 26.46
N VAL A 352 14.72 -3.77 27.40
CA VAL A 352 14.43 -3.59 28.79
C VAL A 352 13.85 -2.22 29.12
N PRO A 353 14.46 -1.11 28.64
CA PRO A 353 13.93 0.20 29.06
C PRO A 353 12.53 0.52 28.56
N HIS A 354 11.98 -0.29 27.66
CA HIS A 354 10.63 -0.03 27.12
C HIS A 354 9.53 -0.92 27.73
N VAL A 355 9.91 -1.86 28.58
CA VAL A 355 8.95 -2.87 29.06
C VAL A 355 7.93 -2.32 30.05
N VAL A 356 8.36 -1.52 31.03
CA VAL A 356 7.44 -1.05 32.05
C VAL A 356 6.34 -0.22 31.44
N ASN A 357 6.72 0.70 30.55
CA ASN A 357 5.74 1.61 29.98
C ASN A 357 4.70 0.86 29.17
N LEU A 358 5.13 -0.15 28.43
CA LEU A 358 4.18 -0.97 27.67
C LEU A 358 3.26 -1.74 28.60
N VAL A 359 3.83 -2.39 29.59
CA VAL A 359 3.04 -3.17 30.52
C VAL A 359 2.04 -2.28 31.27
N HIS A 360 2.53 -1.16 31.76
CA HIS A 360 1.70 -0.29 32.55
C HIS A 360 0.54 0.21 31.70
N SER A 361 0.79 0.45 30.41
CA SER A 361 -0.21 0.98 29.51
C SER A 361 -1.32 0.01 29.10
N PHE A 362 -1.05 -1.29 29.18
CA PHE A 362 -2.02 -2.29 28.76
C PHE A 362 -2.69 -3.07 29.90
N LYS A 363 -2.11 -3.09 31.08
CA LYS A 363 -2.60 -4.02 32.09
C LYS A 363 -3.92 -3.60 32.76
N ASN A 364 -4.27 -2.31 32.70
CA ASN A 364 -5.55 -1.84 33.22
C ASN A 364 -6.37 -1.15 32.17
N ASP A 365 -6.25 -1.55 30.90
CA ASP A 365 -7.04 -0.93 29.84
C ASP A 365 -8.42 -1.55 29.70
N GLY A 366 -8.74 -2.53 30.55
CA GLY A 366 -10.06 -3.17 30.54
C GLY A 366 -10.28 -4.19 29.43
N LEU A 367 -9.22 -4.53 28.68
CA LEU A 367 -9.36 -5.41 27.54
C LEU A 367 -8.77 -6.79 27.85
N PRO A 368 -9.62 -7.82 27.81
CA PRO A 368 -9.11 -9.17 28.03
C PRO A 368 -8.08 -9.58 26.98
N SER A 369 -8.17 -9.06 25.76
CA SER A 369 -7.13 -9.35 24.78
C SER A 369 -5.77 -8.76 25.21
N SER A 370 -5.77 -7.58 25.84
CA SER A 370 -4.53 -6.99 26.41
C SER A 370 -3.95 -7.85 27.52
N THR A 371 -4.81 -8.34 28.41
CA THR A 371 -4.37 -9.22 29.49
C THR A 371 -3.71 -10.51 28.95
N ALA A 372 -4.36 -11.18 28.00
CA ALA A 372 -3.80 -12.41 27.40
C ALA A 372 -2.46 -12.15 26.69
N PHE A 373 -2.37 -11.01 26.00
CA PHE A 373 -1.10 -10.58 25.42
C PHE A 373 0.00 -10.43 26.49
N LEU A 374 -0.35 -9.81 27.62
CA LEU A 374 0.63 -9.60 28.67
C LEU A 374 1.04 -10.92 29.33
N VAL A 375 0.13 -11.89 29.44
CA VAL A 375 0.53 -13.19 29.95
C VAL A 375 1.66 -13.76 29.06
N GLN A 376 1.52 -13.64 27.75
CA GLN A 376 2.59 -14.13 26.85
C GLN A 376 3.87 -13.31 26.94
N LEU A 377 3.75 -11.98 26.98
CA LEU A 377 4.95 -11.15 27.06
C LEU A 377 5.71 -11.40 28.37
N THR A 378 4.99 -11.40 29.48
CA THR A 378 5.64 -11.60 30.79
C THR A 378 6.29 -12.96 30.89
N GLU A 379 5.72 -13.97 30.25
CA GLU A 379 6.39 -15.29 30.22
C GLU A 379 7.74 -15.20 29.51
N LEU A 380 7.76 -14.52 28.37
CA LEU A 380 8.97 -14.30 27.60
C LEU A 380 9.99 -13.48 28.39
N ILE A 381 9.50 -12.42 29.04
CA ILE A 381 10.41 -11.59 29.82
C ILE A 381 11.04 -12.40 30.96
N HIS A 382 10.23 -13.21 31.66
CA HIS A 382 10.76 -14.05 32.75
C HIS A 382 11.83 -14.99 32.27
N CYS A 383 11.65 -15.56 31.07
CA CYS A 383 12.67 -16.44 30.53
C CYS A 383 13.99 -15.74 30.29
N TYR A 386 15.82 -14.84 33.59
CA TYR A 386 16.43 -16.04 34.11
C TYR A 386 17.67 -16.42 33.33
N HIS A 387 17.58 -16.40 32.01
CA HIS A 387 18.71 -16.72 31.18
C HIS A 387 19.84 -15.69 31.36
N TYR A 388 19.48 -14.41 31.51
CA TYR A 388 20.46 -13.33 31.65
C TYR A 388 20.37 -12.75 33.06
N SER A 389 20.56 -13.63 34.04
CA SER A 389 20.41 -13.24 35.45
C SER A 389 21.63 -12.46 35.92
N GLY A 390 21.52 -11.82 37.06
CA GLY A 390 22.63 -11.06 37.64
C GLY A 390 22.62 -9.58 37.28
N PHE A 391 21.43 -9.02 37.05
CA PHE A 391 21.24 -7.59 36.83
C PHE A 391 20.04 -7.13 37.67
N PRO A 392 20.11 -7.31 39.01
CA PRO A 392 18.96 -7.05 39.90
C PRO A 392 18.42 -5.62 39.89
N ASP A 393 19.27 -4.60 39.75
CA ASP A 393 18.80 -3.21 39.70
C ASP A 393 18.10 -2.92 38.38
N LEU A 394 18.67 -3.42 37.28
CA LEU A 394 18.04 -3.30 35.96
C LEU A 394 16.64 -3.96 35.96
N TYR A 395 16.52 -5.14 36.56
CA TYR A 395 15.29 -5.92 36.45
C TYR A 395 14.20 -5.57 37.48
N GLU A 396 14.57 -4.89 38.58
CA GLU A 396 13.59 -4.65 39.65
C GLU A 396 12.34 -3.90 39.22
N PRO A 397 12.47 -2.79 38.46
CA PRO A 397 11.20 -2.16 38.05
C PRO A 397 10.33 -3.07 37.16
N ILE A 398 10.96 -3.91 36.33
CA ILE A 398 10.18 -4.82 35.48
C ILE A 398 9.46 -5.86 36.34
N LEU A 399 10.18 -6.46 37.27
CA LEU A 399 9.57 -7.42 38.19
C LEU A 399 8.37 -6.79 38.96
N GLU A 400 8.50 -5.55 39.37
CA GLU A 400 7.38 -4.85 40.00
C GLU A 400 6.19 -4.68 39.06
N ALA A 401 6.48 -4.26 37.82
CA ALA A 401 5.41 -4.02 36.88
C ALA A 401 4.65 -5.30 36.52
N ILE A 402 5.34 -6.45 36.54
CA ILE A 402 4.74 -7.70 36.08
C ILE A 402 4.33 -8.67 37.19
N LYS A 403 4.46 -8.22 38.46
CA LYS A 403 4.18 -9.02 39.67
C LYS A 403 2.82 -9.72 39.67
N ASP A 404 1.82 -9.14 39.03
CA ASP A 404 0.49 -9.74 39.06
C ASP A 404 0.24 -10.70 37.91
N PHE A 405 1.25 -10.98 37.09
CA PHE A 405 1.11 -11.97 36.02
C PHE A 405 1.75 -13.29 36.37
N PRO A 406 1.27 -14.39 35.77
CA PRO A 406 1.92 -15.69 35.96
C PRO A 406 3.40 -15.67 35.72
N LYS A 407 4.11 -16.43 36.53
CA LYS A 407 5.53 -16.61 36.40
C LYS A 407 5.72 -18.06 36.03
N PRO A 408 6.37 -18.35 34.90
CA PRO A 408 6.56 -19.76 34.61
C PRO A 408 7.49 -20.42 35.61
N SER A 409 7.31 -21.72 35.83
CA SER A 409 8.20 -22.52 36.67
C SER A 409 9.61 -22.56 36.09
N GLU A 410 10.61 -22.69 36.96
CA GLU A 410 12.01 -22.80 36.52
C GLU A 410 12.18 -23.93 35.51
N GLU A 411 11.48 -25.03 35.76
CA GLU A 411 11.53 -26.19 34.91
C GLU A 411 10.97 -25.84 33.50
N LYS A 412 9.89 -25.09 33.47
CA LYS A 412 9.30 -24.69 32.21
C LYS A 412 10.25 -23.70 31.46
N ILE A 413 10.80 -22.74 32.20
CA ILE A 413 11.76 -21.79 31.63
C ILE A 413 12.95 -22.49 30.97
N LYS A 414 13.53 -23.48 31.64
CA LYS A 414 14.69 -24.17 31.07
C LYS A 414 14.36 -24.88 29.76
N LEU A 415 13.14 -25.45 29.68
CA LEU A 415 12.73 -26.13 28.46
C LEU A 415 12.52 -25.11 27.31
N ILE A 416 11.85 -24.01 27.63
CA ILE A 416 11.68 -22.93 26.67
C ILE A 416 13.04 -22.50 26.12
N LEU A 417 14.03 -22.37 27.01
CA LEU A 417 15.35 -21.88 26.60
C LEU A 417 16.17 -22.93 25.86
N ASN A 418 15.68 -24.16 25.77
CA ASN A 418 16.31 -25.16 24.90
C ASN A 418 16.13 -24.96 23.40
N GLN A 419 15.28 -24.02 23.01
CA GLN A 419 15.27 -23.45 21.65
C GLN A 419 16.67 -23.40 21.02
N SER A 420 16.78 -23.76 19.73
CA SER A 420 18.03 -23.61 18.95
C SER A 420 18.58 -22.20 19.09
N ALA A 421 19.82 -22.07 19.51
CA ALA A 421 20.48 -20.76 19.59
C ALA A 421 21.19 -20.49 18.28
N TRP A 422 21.40 -19.21 18.00
CA TRP A 422 22.24 -18.82 16.89
C TRP A 422 23.70 -18.90 17.36
N THR A 423 24.52 -19.59 16.61
CA THR A 423 25.91 -19.83 17.01
C THR A 423 26.68 -18.49 16.91
N SER A 424 27.14 -17.95 18.04
CA SER A 424 27.99 -16.74 17.99
C SER A 424 29.39 -17.08 17.43
N HIS A 425 30.09 -16.06 16.95
CA HIS A 425 31.48 -16.21 16.47
C HIS A 425 31.59 -17.22 15.30
N HIS A 426 30.85 -16.98 14.23
CA HIS A 426 30.70 -17.98 13.17
C HIS A 426 31.36 -17.61 11.83
#